data_6SKS
#
_entry.id   6SKS
#
_cell.length_a   67.406
_cell.length_b   67.406
_cell.length_c   123.319
_cell.angle_alpha   90.000
_cell.angle_beta   90.000
_cell.angle_gamma   120.000
#
_symmetry.space_group_name_H-M   'P 32 2 1'
#
loop_
_entity.id
_entity.type
_entity.pdbx_description
1 polymer 'Carbonic anhydrase 2'
2 non-polymer 'COPPER (II) ION'
3 non-polymer 'ZINC ION'
4 non-polymer GLYCEROL
5 non-polymer ~{N}-[2-[2-(1~{H}-imidazol-4-yl)ethylamino]-2-oxidanylidene-ethyl]-4-sulfamoyl-benzamide
6 water water
#
_entity_poly.entity_id   1
_entity_poly.type   'polypeptide(L)'
_entity_poly.pdbx_seq_one_letter_code
;MSHHWGYGKHNGPEHWHKDFPIANGERQSPVDIDTKAVVQDPALKPLALVYGEATSRRMVNNGHSFNVEYDDSQDKAVLK
DGPLTGTYRLVQFHFHWGSSDDQGSEHTVDRKKYAAELHLVHWNTKYGDFGTAAQQPDGLAVVGVFLKVGDANPALQKVL
DALDSIKTKGKSTDFPNFDPGSLLPNVLDYWTYPGSLTTPPLLESVTWIVLKEPISVSSQQMLKFRTLNFNAEGEPELLM
LANWRPAQPLKNRQVRGFPK
;
_entity_poly.pdbx_strand_id   A
#
loop_
_chem_comp.id
_chem_comp.type
_chem_comp.name
_chem_comp.formula
CU non-polymer 'COPPER (II) ION' 'Cu 2'
E68 non-polymer ~{N}-[2-[2-(1~{H}-imidazol-4-yl)ethylamino]-2-oxidanylidene-ethyl]-4-sulfamoyl-benzamide 'C14 H17 N5 O4 S'
GOL non-polymer GLYCEROL 'C3 H8 O3'
ZN non-polymer 'ZINC ION' 'Zn 2'
#
# COMPACT_ATOMS: atom_id res chain seq x y z
N SER A 2 -14.37 -21.87 5.71
CA SER A 2 -13.23 -21.08 6.31
C SER A 2 -13.55 -19.59 6.38
N HIS A 3 -13.43 -19.09 7.61
CA HIS A 3 -13.66 -17.70 7.91
C HIS A 3 -12.31 -17.00 7.76
N HIS A 4 -12.25 -16.11 6.78
N HIS A 4 -12.23 -16.10 6.77
CA HIS A 4 -11.22 -15.11 6.74
CA HIS A 4 -11.12 -15.17 6.65
C HIS A 4 -11.78 -13.94 5.97
C HIS A 4 -11.70 -13.97 5.89
N TRP A 5 -11.14 -12.81 6.18
CA TRP A 5 -11.70 -11.53 5.72
C TRP A 5 -11.47 -11.32 4.25
N GLY A 6 -12.19 -10.34 3.71
CA GLY A 6 -11.98 -9.93 2.33
C GLY A 6 -12.67 -8.65 1.95
N TYR A 7 -13.16 -8.61 0.70
CA TYR A 7 -13.82 -7.47 0.14
C TYR A 7 -15.16 -7.82 -0.52
N GLY A 8 -15.72 -8.94 -0.08
CA GLY A 8 -16.97 -9.51 -0.61
C GLY A 8 -18.21 -9.09 0.13
N LYS A 9 -19.33 -9.76 -0.21
CA LYS A 9 -20.59 -9.43 0.34
C LYS A 9 -20.68 -9.62 1.85
N HIS A 10 -20.06 -10.67 2.37
CA HIS A 10 -20.18 -10.99 3.78
C HIS A 10 -18.95 -10.82 4.61
N ASN A 11 -17.78 -10.54 4.01
CA ASN A 11 -16.50 -10.53 4.73
C ASN A 11 -15.77 -9.19 4.53
N GLY A 12 -16.51 -8.18 4.08
CA GLY A 12 -15.91 -6.95 3.55
C GLY A 12 -15.62 -5.88 4.65
N PRO A 13 -15.12 -4.73 4.22
CA PRO A 13 -14.70 -3.67 5.19
C PRO A 13 -15.72 -3.27 6.24
N GLU A 14 -17.01 -3.29 5.90
CA GLU A 14 -17.99 -2.86 6.83
C GLU A 14 -18.22 -3.87 7.96
N HIS A 15 -17.70 -5.09 7.76
CA HIS A 15 -17.79 -6.19 8.69
C HIS A 15 -16.50 -6.33 9.54
N TRP A 16 -15.39 -5.77 9.08
CA TRP A 16 -14.11 -6.07 9.74
C TRP A 16 -14.13 -5.73 11.24
N HIS A 17 -14.85 -4.68 11.64
CA HIS A 17 -14.91 -4.30 13.06
C HIS A 17 -15.45 -5.41 14.01
N LYS A 18 -16.20 -6.35 13.46
CA LYS A 18 -16.74 -7.47 14.24
C LYS A 18 -15.61 -8.38 14.68
N ASP A 19 -14.59 -8.54 13.83
CA ASP A 19 -13.44 -9.40 14.07
C ASP A 19 -12.18 -8.65 14.56
N PHE A 20 -12.06 -7.37 14.24
CA PHE A 20 -10.93 -6.52 14.64
C PHE A 20 -11.51 -5.19 15.13
N PRO A 21 -11.81 -5.07 16.44
CA PRO A 21 -12.53 -3.86 16.91
C PRO A 21 -11.79 -2.55 16.65
N ILE A 22 -10.47 -2.62 16.55
CA ILE A 22 -9.66 -1.46 16.26
C ILE A 22 -10.03 -0.86 14.91
N ALA A 23 -10.74 -1.59 14.05
CA ALA A 23 -11.33 -1.02 12.82
C ALA A 23 -12.07 0.32 13.01
N ASN A 24 -12.67 0.51 14.18
CA ASN A 24 -13.38 1.75 14.57
C ASN A 24 -12.54 2.60 15.52
N GLY A 25 -11.23 2.50 15.42
CA GLY A 25 -10.32 3.22 16.28
C GLY A 25 -10.13 4.67 15.87
N GLU A 26 -9.26 5.32 16.61
CA GLU A 26 -8.98 6.74 16.51
C GLU A 26 -7.99 7.13 15.41
N ARG A 27 -7.27 6.15 14.86
CA ARG A 27 -6.24 6.47 13.85
C ARG A 27 -6.27 5.48 12.70
N GLN A 28 -7.46 5.31 12.09
CA GLN A 28 -7.58 4.38 10.98
C GLN A 28 -7.30 4.97 9.60
N SER A 29 -6.84 4.11 8.69
CA SER A 29 -6.55 4.45 7.32
C SER A 29 -7.31 3.59 6.35
N PRO A 30 -7.49 4.04 5.11
CA PRO A 30 -7.03 5.33 4.58
C PRO A 30 -7.95 6.48 4.98
N VAL A 31 -7.58 7.67 4.52
CA VAL A 31 -8.36 8.87 4.70
C VAL A 31 -8.42 9.68 3.42
N ASP A 32 -9.42 10.57 3.37
CA ASP A 32 -9.44 11.58 2.34
C ASP A 32 -8.51 12.73 2.75
N ILE A 33 -7.73 13.18 1.80
CA ILE A 33 -6.78 14.31 1.99
C ILE A 33 -7.48 15.53 1.39
N ASP A 34 -7.91 16.40 2.29
CA ASP A 34 -8.57 17.67 1.93
C ASP A 34 -7.41 18.64 1.80
N THR A 35 -7.07 19.02 0.57
CA THR A 35 -5.83 19.75 0.32
C THR A 35 -5.88 21.15 0.91
N LYS A 36 -7.09 21.71 1.03
CA LYS A 36 -7.22 23.04 1.68
C LYS A 36 -6.89 23.04 3.17
N ALA A 37 -6.88 21.87 3.79
CA ALA A 37 -6.66 21.73 5.22
C ALA A 37 -5.26 21.28 5.60
N VAL A 38 -4.43 21.01 4.60
CA VAL A 38 -3.07 20.48 4.81
C VAL A 38 -2.18 21.53 5.41
N VAL A 39 -1.43 21.13 6.43
CA VAL A 39 -0.58 22.00 7.25
C VAL A 39 0.87 21.94 6.76
N GLN A 40 1.57 23.10 6.78
N GLN A 40 1.56 23.09 6.83
CA GLN A 40 3.01 23.16 6.44
CA GLN A 40 2.95 23.19 6.43
C GLN A 40 3.78 23.13 7.73
C GLN A 40 3.81 23.17 7.71
N ASP A 41 4.72 22.21 7.81
CA ASP A 41 5.55 21.99 9.00
C ASP A 41 7.02 22.07 8.57
N PRO A 42 7.76 23.12 9.00
CA PRO A 42 9.22 23.18 8.66
C PRO A 42 10.10 22.03 9.17
N ALA A 43 9.61 21.22 10.10
CA ALA A 43 10.34 20.06 10.58
C ALA A 43 10.42 18.94 9.54
N LEU A 44 9.46 18.92 8.61
CA LEU A 44 9.46 17.86 7.57
C LEU A 44 10.65 18.01 6.61
N LYS A 45 11.25 16.86 6.28
CA LYS A 45 12.36 16.76 5.36
C LYS A 45 11.96 16.10 4.07
N PRO A 46 12.79 16.26 3.02
CA PRO A 46 12.58 15.43 1.84
C PRO A 46 12.71 13.96 2.20
N LEU A 47 11.97 13.12 1.50
CA LEU A 47 12.09 11.66 1.67
C LEU A 47 13.45 11.19 1.18
N ALA A 48 14.02 10.22 1.90
CA ALA A 48 15.23 9.48 1.42
C ALA A 48 14.86 8.04 1.19
N LEU A 49 14.70 7.64 -0.06
CA LEU A 49 14.38 6.24 -0.41
C LEU A 49 15.63 5.65 -1.05
N VAL A 50 16.30 4.78 -0.30
CA VAL A 50 17.65 4.30 -0.66
C VAL A 50 17.48 2.82 -1.04
N TYR A 51 17.22 2.59 -2.32
CA TYR A 51 16.80 1.32 -2.80
C TYR A 51 17.80 0.70 -3.79
N GLY A 52 18.95 1.33 -3.95
CA GLY A 52 20.03 0.82 -4.86
C GLY A 52 20.38 -0.63 -4.70
N GLU A 53 20.47 -1.08 -3.46
CA GLU A 53 20.83 -2.45 -3.17
C GLU A 53 19.65 -3.33 -2.77
N ALA A 54 18.40 -2.90 -3.06
CA ALA A 54 17.22 -3.76 -2.83
C ALA A 54 17.29 -5.11 -3.50
N THR A 55 16.84 -6.14 -2.79
CA THR A 55 16.87 -7.52 -3.26
C THR A 55 15.44 -8.09 -3.24
N SER A 56 14.74 -8.00 -4.36
CA SER A 56 13.40 -8.61 -4.45
C SER A 56 13.58 -10.12 -4.50
N ARG A 57 12.64 -10.84 -3.92
CA ARG A 57 12.73 -12.31 -3.81
C ARG A 57 11.65 -12.98 -4.62
N ARG A 58 10.42 -12.84 -4.19
CA ARG A 58 9.32 -13.51 -4.86
C ARG A 58 8.07 -12.67 -4.85
N MET A 59 7.20 -13.02 -5.76
CA MET A 59 5.86 -12.43 -5.86
C MET A 59 4.87 -13.52 -5.43
N VAL A 60 3.95 -13.14 -4.56
CA VAL A 60 3.04 -14.07 -3.90
C VAL A 60 1.60 -13.55 -3.97
N ASN A 61 0.66 -14.42 -4.33
CA ASN A 61 -0.78 -14.12 -4.18
C ASN A 61 -1.19 -14.59 -2.78
N ASN A 62 -1.52 -13.64 -1.90
CA ASN A 62 -1.91 -13.99 -0.53
C ASN A 62 -3.41 -14.10 -0.35
N GLY A 63 -4.17 -14.05 -1.45
CA GLY A 63 -5.62 -14.18 -1.36
C GLY A 63 -6.39 -12.90 -1.03
N HIS A 64 -5.66 -11.77 -0.91
N HIS A 64 -5.64 -11.80 -0.92
CA HIS A 64 -6.27 -10.43 -0.81
CA HIS A 64 -6.16 -10.46 -0.71
C HIS A 64 -5.60 -9.37 -1.67
C HIS A 64 -5.64 -9.47 -1.74
N SER A 65 -4.36 -9.61 -2.07
CA SER A 65 -3.66 -8.83 -3.03
C SER A 65 -2.46 -9.71 -3.42
N PHE A 66 -1.44 -9.13 -4.06
CA PHE A 66 -0.16 -9.83 -4.24
C PHE A 66 0.91 -8.95 -3.72
N ASN A 67 1.95 -9.57 -3.11
CA ASN A 67 3.08 -8.85 -2.52
C ASN A 67 4.32 -9.21 -3.35
N VAL A 68 5.14 -8.23 -3.68
CA VAL A 68 6.51 -8.45 -4.08
C VAL A 68 7.33 -8.31 -2.80
N GLU A 69 7.99 -9.40 -2.39
CA GLU A 69 8.67 -9.50 -1.10
C GLU A 69 10.14 -9.12 -1.29
N TYR A 70 10.70 -8.37 -0.34
CA TYR A 70 12.10 -7.95 -0.37
C TYR A 70 12.84 -8.60 0.79
N ASP A 71 14.14 -8.88 0.58
CA ASP A 71 14.97 -9.28 1.69
C ASP A 71 15.17 -8.12 2.66
N ASP A 72 14.71 -8.31 3.90
CA ASP A 72 14.76 -7.30 4.97
C ASP A 72 15.61 -7.78 6.16
N SER A 73 16.53 -8.69 5.88
CA SER A 73 17.43 -9.26 6.89
C SER A 73 18.53 -8.28 7.19
N GLN A 74 18.82 -7.36 6.28
CA GLN A 74 19.84 -6.32 6.45
C GLN A 74 19.29 -4.99 5.95
N ASP A 75 20.01 -3.91 6.22
CA ASP A 75 19.73 -2.61 5.60
C ASP A 75 20.05 -2.52 4.10
N LYS A 76 19.28 -3.18 3.29
CA LYS A 76 19.50 -3.25 1.82
C LYS A 76 18.66 -2.19 1.07
N ALA A 77 17.45 -1.94 1.57
CA ALA A 77 16.56 -0.99 0.93
C ALA A 77 15.87 -0.33 2.10
N VAL A 78 16.11 0.97 2.28
CA VAL A 78 15.63 1.66 3.45
C VAL A 78 14.97 2.98 3.06
N LEU A 79 14.14 3.44 3.96
CA LEU A 79 13.46 4.70 3.91
C LEU A 79 13.85 5.49 5.17
N LYS A 80 14.25 6.72 4.99
CA LYS A 80 14.47 7.59 6.10
C LYS A 80 14.11 9.04 5.76
N ASP A 81 14.33 9.93 6.74
CA ASP A 81 13.99 11.33 6.62
C ASP A 81 12.49 11.48 6.37
N GLY A 82 12.07 12.36 5.49
CA GLY A 82 10.64 12.67 5.41
C GLY A 82 10.13 13.13 6.76
N PRO A 83 9.02 12.55 7.26
CA PRO A 83 8.53 12.81 8.61
C PRO A 83 9.16 11.92 9.70
N LEU A 84 10.09 11.04 9.31
CA LEU A 84 10.48 9.92 10.14
C LEU A 84 11.75 10.20 10.97
N THR A 85 11.81 9.55 12.11
CA THR A 85 13.04 9.43 12.92
C THR A 85 13.53 7.98 12.83
N GLY A 86 14.81 7.80 12.51
CA GLY A 86 15.40 6.49 12.36
C GLY A 86 15.30 5.91 10.96
N THR A 87 15.59 4.63 10.85
CA THR A 87 15.69 3.88 9.60
C THR A 87 14.58 2.86 9.52
N TYR A 88 13.92 2.83 8.36
CA TYR A 88 12.83 1.89 8.09
C TYR A 88 13.17 1.00 6.89
N ARG A 89 13.19 -0.31 7.09
CA ARG A 89 13.57 -1.25 6.10
C ARG A 89 12.39 -1.65 5.23
N LEU A 90 12.54 -1.61 3.90
CA LEU A 90 11.55 -2.17 2.96
C LEU A 90 11.36 -3.66 3.11
N VAL A 91 10.13 -4.11 3.28
CA VAL A 91 9.85 -5.56 3.40
C VAL A 91 9.05 -6.08 2.26
N GLN A 92 8.11 -5.29 1.74
CA GLN A 92 7.31 -5.68 0.60
C GLN A 92 6.58 -4.50 -0.03
N PHE A 93 6.14 -4.68 -1.27
CA PHE A 93 5.11 -3.78 -1.85
C PHE A 93 3.95 -4.58 -2.39
N HIS A 94 2.81 -3.90 -2.50
CA HIS A 94 1.60 -4.49 -3.02
C HIS A 94 0.68 -3.36 -3.51
N PHE A 95 -0.44 -3.76 -4.12
CA PHE A 95 -1.37 -2.79 -4.71
C PHE A 95 -2.80 -2.97 -4.17
N HIS A 96 -3.59 -1.92 -4.33
CA HIS A 96 -5.04 -2.02 -4.23
C HIS A 96 -5.60 -1.48 -5.52
N TRP A 97 -6.74 -2.00 -5.94
CA TRP A 97 -7.40 -1.55 -7.14
C TRP A 97 -8.91 -1.76 -7.03
N GLY A 98 -9.64 -1.25 -8.01
CA GLY A 98 -11.10 -1.32 -8.05
C GLY A 98 -11.59 -2.04 -9.30
N SER A 99 -12.92 -2.17 -9.39
CA SER A 99 -13.55 -2.99 -10.47
C SER A 99 -13.72 -2.23 -11.79
N SER A 100 -13.53 -0.92 -11.74
CA SER A 100 -13.48 -0.07 -12.91
C SER A 100 -12.44 1.02 -12.67
N ASP A 101 -12.03 1.67 -13.75
CA ASP A 101 -10.88 2.60 -13.73
C ASP A 101 -11.17 3.85 -12.92
N ASP A 102 -12.43 4.20 -12.71
CA ASP A 102 -12.80 5.39 -11.90
C ASP A 102 -12.69 5.23 -10.37
N GLN A 103 -12.32 4.06 -9.87
CA GLN A 103 -12.20 3.83 -8.46
C GLN A 103 -11.06 2.82 -8.22
N GLY A 104 -10.59 2.75 -7.00
CA GLY A 104 -9.65 1.72 -6.60
C GLY A 104 -8.53 2.15 -5.67
N SER A 105 -8.23 3.45 -5.64
CA SER A 105 -7.28 3.93 -4.61
C SER A 105 -7.94 3.89 -3.22
N GLU A 106 -7.09 3.78 -2.19
CA GLU A 106 -7.52 3.78 -0.81
C GLU A 106 -7.58 5.19 -0.28
N HIS A 107 -6.45 5.88 -0.34
CA HIS A 107 -6.48 7.30 -0.13
C HIS A 107 -7.17 8.02 -1.31
N THR A 108 -7.79 9.15 -0.98
CA THR A 108 -8.40 10.06 -1.95
C THR A 108 -7.89 11.46 -1.69
N VAL A 109 -7.99 12.28 -2.72
CA VAL A 109 -7.49 13.65 -2.68
C VAL A 109 -8.65 14.56 -3.11
N ASP A 110 -9.13 15.33 -2.15
CA ASP A 110 -10.34 16.13 -2.34
C ASP A 110 -11.47 15.25 -2.93
N ARG A 111 -11.61 14.05 -2.36
CA ARG A 111 -12.56 13.03 -2.75
C ARG A 111 -12.31 12.33 -4.12
N LYS A 112 -11.29 12.72 -4.85
CA LYS A 112 -10.93 12.09 -6.14
C LYS A 112 -10.26 10.74 -5.87
N LYS A 113 -10.70 9.71 -6.60
CA LYS A 113 -10.15 8.35 -6.52
C LYS A 113 -9.33 8.09 -7.78
N TYR A 114 -8.17 7.49 -7.59
CA TYR A 114 -7.39 6.99 -8.70
C TYR A 114 -7.75 5.52 -8.97
N ALA A 115 -7.17 4.95 -10.04
CA ALA A 115 -7.50 3.56 -10.45
C ALA A 115 -6.92 2.51 -9.52
N ALA A 116 -5.80 2.86 -8.87
CA ALA A 116 -5.11 1.96 -7.99
C ALA A 116 -4.16 2.73 -7.09
N GLU A 117 -3.61 2.03 -6.10
CA GLU A 117 -2.66 2.60 -5.19
C GLU A 117 -1.62 1.53 -4.82
N LEU A 118 -0.34 1.92 -4.92
CA LEU A 118 0.78 1.11 -4.57
C LEU A 118 1.20 1.46 -3.16
N HIS A 119 1.48 0.44 -2.37
CA HIS A 119 1.94 0.58 -0.99
C HIS A 119 3.33 -0.10 -0.86
N LEU A 120 4.33 0.71 -0.54
CA LEU A 120 5.67 0.23 -0.19
C LEU A 120 5.79 0.21 1.34
N VAL A 121 5.92 -0.95 1.90
CA VAL A 121 5.80 -1.20 3.34
C VAL A 121 7.18 -1.30 4.02
N HIS A 122 7.40 -0.50 5.06
CA HIS A 122 8.72 -0.44 5.72
C HIS A 122 8.53 -0.54 7.22
N TRP A 123 9.53 -1.06 7.95
CA TRP A 123 9.46 -1.19 9.39
C TRP A 123 10.71 -0.62 10.07
N ASN A 124 10.48 -0.05 11.25
CA ASN A 124 11.48 0.70 12.01
C ASN A 124 12.49 -0.29 12.63
N THR A 125 13.76 -0.19 12.20
CA THR A 125 14.78 -1.15 12.61
C THR A 125 15.06 -1.11 14.12
N LYS A 126 14.61 -0.07 14.80
CA LYS A 126 14.74 -0.06 16.25
C LYS A 126 14.02 -1.21 16.95
N TYR A 127 13.02 -1.80 16.29
CA TYR A 127 12.27 -2.93 16.86
C TYR A 127 12.71 -4.35 16.52
N GLY A 128 13.69 -4.47 15.67
CA GLY A 128 14.25 -5.81 15.44
C GLY A 128 13.60 -6.69 14.41
N ASP A 129 12.26 -6.65 14.31
CA ASP A 129 11.56 -7.35 13.28
C ASP A 129 10.27 -6.60 12.93
N PHE A 130 9.76 -6.92 11.74
CA PHE A 130 8.50 -6.34 11.30
C PHE A 130 7.31 -6.53 12.27
N GLY A 131 7.09 -7.76 12.75
CA GLY A 131 5.98 -8.07 13.62
C GLY A 131 5.95 -7.22 14.90
N THR A 132 7.13 -7.08 15.55
CA THR A 132 7.27 -6.24 16.76
C THR A 132 6.99 -4.77 16.43
N ALA A 133 7.58 -4.32 15.32
CA ALA A 133 7.37 -2.93 14.83
C ALA A 133 5.90 -2.68 14.58
N ALA A 134 5.19 -3.66 14.03
CA ALA A 134 3.78 -3.42 13.64
C ALA A 134 2.84 -3.11 14.78
N GLN A 135 3.27 -3.34 16.00
CA GLN A 135 2.49 -3.13 17.21
C GLN A 135 2.87 -1.84 17.96
N GLN A 136 3.69 -0.98 17.35
CA GLN A 136 4.11 0.28 17.95
C GLN A 136 3.71 1.51 17.10
N PRO A 137 3.35 2.64 17.74
CA PRO A 137 2.90 3.78 16.95
C PRO A 137 3.90 4.32 15.94
N ASP A 138 5.21 4.20 16.22
CA ASP A 138 6.27 4.62 15.33
C ASP A 138 6.89 3.43 14.59
N GLY A 139 6.16 2.34 14.50
CA GLY A 139 6.78 1.10 14.02
C GLY A 139 6.87 0.94 12.52
N LEU A 140 5.84 1.40 11.80
CA LEU A 140 5.79 1.21 10.34
C LEU A 140 5.70 2.54 9.58
N ALA A 141 6.15 2.53 8.36
CA ALA A 141 6.04 3.63 7.44
C ALA A 141 5.65 3.06 6.10
N VAL A 142 4.50 3.48 5.58
CA VAL A 142 4.10 3.02 4.25
C VAL A 142 4.08 4.20 3.32
N VAL A 143 4.70 4.04 2.14
CA VAL A 143 4.68 5.04 1.12
C VAL A 143 3.56 4.63 0.14
N GLY A 144 2.57 5.51 -0.06
CA GLY A 144 1.51 5.24 -1.02
C GLY A 144 1.73 6.03 -2.28
N VAL A 145 1.53 5.37 -3.40
CA VAL A 145 1.70 6.01 -4.71
C VAL A 145 0.44 5.73 -5.51
N PHE A 146 -0.18 6.78 -6.03
CA PHE A 146 -1.40 6.59 -6.84
C PHE A 146 -1.06 6.17 -8.25
N LEU A 147 -1.90 5.32 -8.83
CA LEU A 147 -1.82 4.96 -10.25
C LEU A 147 -2.96 5.64 -10.97
N LYS A 148 -2.61 6.51 -11.90
CA LYS A 148 -3.56 7.30 -12.65
C LYS A 148 -3.69 6.75 -14.07
N VAL A 149 -4.92 6.44 -14.44
CA VAL A 149 -5.16 5.85 -15.73
C VAL A 149 -4.86 6.83 -16.87
N GLY A 150 -4.27 6.34 -17.95
CA GLY A 150 -3.90 7.21 -19.08
C GLY A 150 -2.91 6.67 -20.10
N ASP A 151 -1.81 6.17 -19.60
CA ASP A 151 -0.63 5.79 -20.40
C ASP A 151 -0.11 4.54 -19.77
N ALA A 152 0.31 3.57 -20.59
CA ALA A 152 0.85 2.33 -20.01
C ALA A 152 2.18 2.63 -19.34
N ASN A 153 2.44 1.88 -18.28
CA ASN A 153 3.64 2.02 -17.49
C ASN A 153 4.59 0.83 -17.73
N PRO A 154 5.75 1.06 -18.43
CA PRO A 154 6.59 -0.10 -18.73
C PRO A 154 7.20 -0.82 -17.51
N ALA A 155 7.52 -0.08 -16.47
CA ALA A 155 8.08 -0.69 -15.26
C ALA A 155 7.02 -1.54 -14.58
N LEU A 156 5.78 -1.06 -14.57
CA LEU A 156 4.70 -1.82 -14.01
C LEU A 156 4.44 -3.07 -14.85
N GLN A 157 4.59 -2.98 -16.16
CA GLN A 157 4.36 -4.14 -17.01
C GLN A 157 5.22 -5.35 -16.59
N LYS A 158 6.43 -5.11 -16.11
CA LYS A 158 7.29 -6.22 -15.62
C LYS A 158 6.62 -6.97 -14.46
N VAL A 159 5.95 -6.25 -13.57
CA VAL A 159 5.17 -6.88 -12.50
C VAL A 159 3.96 -7.65 -13.07
N LEU A 160 3.22 -6.99 -13.98
CA LEU A 160 1.99 -7.58 -14.48
C LEU A 160 2.24 -8.83 -15.32
N ASP A 161 3.41 -8.87 -16.00
CA ASP A 161 3.84 -10.08 -16.78
C ASP A 161 3.95 -11.30 -15.88
N ALA A 162 4.13 -11.15 -14.56
CA ALA A 162 4.22 -12.31 -13.67
C ALA A 162 2.89 -12.81 -13.12
N LEU A 163 1.81 -12.03 -13.26
CA LEU A 163 0.57 -12.40 -12.57
C LEU A 163 -0.04 -13.73 -13.06
N ASP A 164 0.24 -14.09 -14.29
CA ASP A 164 -0.26 -15.40 -14.79
C ASP A 164 0.32 -16.59 -14.04
N SER A 165 1.48 -16.40 -13.39
CA SER A 165 2.08 -17.41 -12.54
C SER A 165 1.51 -17.53 -11.14
N ILE A 166 0.75 -16.52 -10.68
CA ILE A 166 0.27 -16.52 -9.31
C ILE A 166 -1.22 -16.21 -9.29
N LYS A 167 -1.97 -16.85 -10.19
CA LYS A 167 -3.35 -16.49 -10.41
C LYS A 167 -4.18 -16.71 -9.14
N THR A 168 -3.79 -17.68 -8.34
CA THR A 168 -4.60 -18.19 -7.30
C THR A 168 -3.91 -18.08 -5.97
N LYS A 169 -4.70 -18.07 -4.92
CA LYS A 169 -4.18 -17.93 -3.58
C LYS A 169 -3.13 -18.98 -3.14
N GLY A 170 -1.97 -18.50 -2.70
CA GLY A 170 -0.85 -19.36 -2.26
C GLY A 170 0.22 -19.56 -3.30
N LYS A 171 -0.11 -19.27 -4.54
CA LYS A 171 0.88 -19.37 -5.56
C LYS A 171 1.91 -18.27 -5.37
N SER A 172 3.15 -18.62 -5.63
CA SER A 172 4.24 -17.64 -5.63
C SER A 172 5.16 -17.95 -6.77
N THR A 173 5.94 -16.97 -7.15
CA THR A 173 6.87 -17.12 -8.27
C THR A 173 8.14 -16.34 -7.94
N ASP A 174 9.27 -16.85 -8.40
CA ASP A 174 10.51 -16.18 -8.22
C ASP A 174 10.47 -14.82 -8.96
N PHE A 175 10.95 -13.75 -8.32
CA PHE A 175 10.83 -12.42 -8.93
C PHE A 175 12.04 -11.55 -8.59
N PRO A 176 13.21 -11.84 -9.21
CA PRO A 176 14.47 -11.21 -8.86
C PRO A 176 14.75 -9.90 -9.57
N ASN A 177 15.61 -9.09 -8.98
CA ASN A 177 16.22 -7.89 -9.60
C ASN A 177 15.16 -6.86 -9.97
N PHE A 178 14.08 -6.78 -9.20
CA PHE A 178 13.10 -5.70 -9.43
C PHE A 178 13.45 -4.50 -8.57
N ASP A 179 13.61 -3.34 -9.18
CA ASP A 179 13.96 -2.13 -8.49
C ASP A 179 12.65 -1.44 -8.08
N PRO A 180 12.34 -1.41 -6.79
CA PRO A 180 11.05 -0.81 -6.39
C PRO A 180 11.00 0.69 -6.67
N GLY A 181 12.17 1.33 -6.76
CA GLY A 181 12.20 2.72 -7.20
C GLY A 181 11.70 3.03 -8.60
N SER A 182 11.60 2.00 -9.43
CA SER A 182 11.06 2.15 -10.78
C SER A 182 9.58 2.45 -10.76
N LEU A 183 8.95 2.24 -9.62
CA LEU A 183 7.50 2.57 -9.47
C LEU A 183 7.26 3.88 -8.73
N LEU A 184 8.26 4.75 -8.62
CA LEU A 184 8.07 6.05 -7.98
C LEU A 184 7.89 7.15 -9.03
N PRO A 185 7.21 8.24 -8.67
CA PRO A 185 7.13 9.40 -9.57
C PRO A 185 8.40 10.22 -9.57
N ASN A 186 8.50 11.17 -10.50
CA ASN A 186 9.70 11.98 -10.71
C ASN A 186 9.86 12.93 -9.52
N VAL A 187 8.75 13.44 -8.97
CA VAL A 187 8.84 14.32 -7.77
C VAL A 187 8.26 13.63 -6.56
N LEU A 188 8.89 13.81 -5.40
CA LEU A 188 8.55 13.09 -4.18
C LEU A 188 7.86 13.96 -3.09
N ASP A 189 7.20 15.03 -3.54
CA ASP A 189 6.30 15.81 -2.66
C ASP A 189 5.33 14.80 -2.00
N TYR A 190 4.96 15.03 -0.74
CA TYR A 190 4.10 14.10 -0.02
C TYR A 190 3.20 14.74 1.00
N TRP A 191 2.14 13.99 1.34
CA TRP A 191 1.32 14.24 2.50
C TRP A 191 1.62 13.19 3.54
N THR A 192 1.56 13.57 4.80
CA THR A 192 1.76 12.58 5.87
C THR A 192 0.79 12.74 7.01
N TYR A 193 0.42 11.63 7.64
CA TYR A 193 -0.49 11.62 8.80
C TYR A 193 -0.28 10.30 9.55
N PRO A 194 -0.61 10.23 10.83
CA PRO A 194 -0.52 9.00 11.59
C PRO A 194 -1.75 8.14 11.35
N GLY A 195 -1.54 6.89 10.97
CA GLY A 195 -2.70 6.01 10.74
C GLY A 195 -2.43 4.55 11.03
N SER A 196 -2.98 3.70 10.16
CA SER A 196 -3.08 2.26 10.44
C SER A 196 -2.80 1.46 9.20
N LEU A 197 -2.61 0.16 9.41
CA LEU A 197 -2.73 -0.78 8.33
C LEU A 197 -4.17 -0.67 7.74
N THR A 198 -4.29 -0.76 6.41
CA THR A 198 -5.62 -0.63 5.76
C THR A 198 -6.32 -1.99 5.61
N THR A 199 -5.66 -3.07 6.04
CA THR A 199 -6.27 -4.37 6.10
C THR A 199 -6.15 -4.90 7.52
N PRO A 200 -6.94 -5.91 7.88
CA PRO A 200 -6.69 -6.64 9.10
C PRO A 200 -5.22 -7.04 9.17
N PRO A 201 -4.57 -6.91 10.32
CA PRO A 201 -5.13 -6.60 11.62
C PRO A 201 -5.38 -5.09 11.95
N LEU A 202 -5.26 -4.19 10.97
CA LEU A 202 -5.69 -2.78 11.14
C LEU A 202 -4.96 -2.03 12.26
N LEU A 203 -3.72 -2.47 12.55
CA LEU A 203 -2.93 -1.94 13.63
C LEU A 203 -2.56 -0.46 13.39
N GLU A 204 -2.63 0.34 14.45
CA GLU A 204 -2.38 1.79 14.39
C GLU A 204 -0.91 2.07 14.61
N SER A 205 -0.10 1.60 13.67
CA SER A 205 1.34 1.69 13.74
C SER A 205 2.00 2.36 12.53
N VAL A 206 1.23 2.97 11.64
CA VAL A 206 1.76 3.40 10.38
C VAL A 206 1.87 4.89 10.33
N THR A 207 3.09 5.39 10.03
CA THR A 207 3.24 6.74 9.56
C THR A 207 3.01 6.70 8.04
N TRP A 208 1.92 7.28 7.58
CA TRP A 208 1.59 7.27 6.15
C TRP A 208 2.32 8.39 5.45
N ILE A 209 2.86 8.06 4.27
CA ILE A 209 3.56 9.01 3.42
C ILE A 209 2.95 8.84 2.02
N VAL A 210 2.03 9.74 1.63
CA VAL A 210 1.26 9.54 0.41
C VAL A 210 1.82 10.53 -0.58
N LEU A 211 2.40 10.03 -1.67
CA LEU A 211 3.02 10.91 -2.67
C LEU A 211 1.96 11.69 -3.46
N LYS A 212 2.23 12.97 -3.73
CA LYS A 212 1.28 13.82 -4.43
C LYS A 212 1.15 13.53 -5.90
N GLU A 213 2.25 13.12 -6.50
CA GLU A 213 2.31 12.90 -7.94
C GLU A 213 2.05 11.41 -8.23
N PRO A 214 1.07 11.11 -9.08
CA PRO A 214 0.83 9.68 -9.43
C PRO A 214 1.84 9.16 -10.44
N ILE A 215 1.88 7.85 -10.54
CA ILE A 215 2.49 7.21 -11.69
C ILE A 215 1.37 6.79 -12.64
N SER A 216 1.76 6.45 -13.87
CA SER A 216 0.80 6.07 -14.88
C SER A 216 0.42 4.61 -14.84
N VAL A 217 -0.75 4.30 -15.41
CA VAL A 217 -1.13 2.92 -15.70
C VAL A 217 -2.11 2.99 -16.90
N SER A 218 -2.11 1.99 -17.79
CA SER A 218 -3.16 2.00 -18.84
C SER A 218 -4.43 1.27 -18.42
N SER A 219 -5.52 1.52 -19.13
CA SER A 219 -6.74 0.78 -18.89
C SER A 219 -6.54 -0.71 -19.13
N GLN A 220 -5.79 -1.06 -20.21
CA GLN A 220 -5.43 -2.44 -20.50
C GLN A 220 -4.68 -3.06 -19.34
N GLN A 221 -3.73 -2.33 -18.76
CA GLN A 221 -3.00 -2.87 -17.64
C GLN A 221 -3.92 -3.13 -16.47
N MET A 222 -4.86 -2.23 -16.22
CA MET A 222 -5.80 -2.41 -15.10
C MET A 222 -6.60 -3.72 -15.21
N LEU A 223 -6.93 -4.13 -16.44
CA LEU A 223 -7.61 -5.39 -16.63
C LEU A 223 -6.83 -6.53 -16.03
N LYS A 224 -5.51 -6.48 -16.18
CA LYS A 224 -4.67 -7.55 -15.71
C LYS A 224 -4.76 -7.75 -14.20
N PHE A 225 -4.81 -6.65 -13.40
CA PHE A 225 -4.97 -6.81 -11.95
C PHE A 225 -6.16 -7.68 -11.58
N ARG A 226 -7.23 -7.41 -12.29
CA ARG A 226 -8.56 -8.00 -12.04
C ARG A 226 -8.66 -9.49 -12.51
N THR A 227 -7.59 -10.04 -13.10
CA THR A 227 -7.58 -11.47 -13.50
C THR A 227 -7.18 -12.35 -12.30
N LEU A 228 -6.63 -11.78 -11.22
CA LEU A 228 -6.25 -12.58 -10.07
C LEU A 228 -7.46 -13.18 -9.37
N ASN A 229 -7.22 -14.21 -8.57
CA ASN A 229 -8.28 -14.86 -7.77
C ASN A 229 -8.03 -14.72 -6.30
N PHE A 230 -9.06 -14.38 -5.54
CA PHE A 230 -9.02 -14.42 -4.07
C PHE A 230 -8.87 -15.86 -3.53
N ASN A 231 -9.45 -16.80 -4.26
CA ASN A 231 -9.53 -18.20 -3.78
C ASN A 231 -8.31 -19.02 -4.10
N ALA A 232 -8.17 -20.14 -3.38
CA ALA A 232 -7.15 -21.16 -3.66
C ALA A 232 -7.56 -22.05 -4.85
N GLU A 233 -6.60 -22.69 -5.51
CA GLU A 233 -6.91 -23.59 -6.61
C GLU A 233 -7.80 -24.74 -6.12
N GLY A 234 -8.79 -25.10 -6.92
CA GLY A 234 -9.80 -26.11 -6.53
C GLY A 234 -11.06 -25.51 -5.94
N GLU A 235 -10.98 -24.32 -5.33
CA GLU A 235 -12.15 -23.67 -4.73
C GLU A 235 -12.95 -22.91 -5.81
N PRO A 236 -14.21 -22.53 -5.50
CA PRO A 236 -14.96 -21.73 -6.46
C PRO A 236 -14.19 -20.44 -6.80
N GLU A 237 -14.19 -20.05 -8.07
CA GLU A 237 -13.44 -18.88 -8.53
C GLU A 237 -14.09 -17.60 -7.96
N LEU A 238 -13.22 -16.69 -7.46
CA LEU A 238 -13.70 -15.38 -6.98
C LEU A 238 -12.66 -14.38 -7.47
N LEU A 239 -13.00 -13.65 -8.53
CA LEU A 239 -12.04 -12.75 -9.14
C LEU A 239 -11.72 -11.59 -8.19
N MET A 240 -10.46 -11.18 -8.23
CA MET A 240 -9.96 -10.08 -7.40
C MET A 240 -10.30 -8.78 -8.14
N LEU A 241 -11.58 -8.45 -8.18
CA LEU A 241 -12.05 -7.30 -8.93
C LEU A 241 -11.76 -5.96 -8.17
N ALA A 242 -11.84 -6.00 -6.84
CA ALA A 242 -11.64 -4.80 -6.02
C ALA A 242 -11.14 -5.23 -4.64
N ASN A 243 -10.16 -4.47 -4.11
CA ASN A 243 -9.58 -4.81 -2.80
C ASN A 243 -9.14 -3.55 -2.03
N TRP A 244 -9.99 -2.53 -2.09
CA TRP A 244 -9.69 -1.27 -1.39
C TRP A 244 -10.63 -1.06 -0.23
N ARG A 245 -10.08 -0.52 0.88
CA ARG A 245 -10.88 -0.04 1.98
C ARG A 245 -11.19 1.43 1.71
N PRO A 246 -12.43 1.86 1.97
CA PRO A 246 -12.77 3.24 1.75
C PRO A 246 -12.25 4.16 2.87
N ALA A 247 -12.29 5.45 2.59
CA ALA A 247 -11.81 6.46 3.52
C ALA A 247 -12.48 6.34 4.88
N GLN A 248 -11.69 6.48 5.91
CA GLN A 248 -12.15 6.41 7.29
C GLN A 248 -12.12 7.79 7.95
N PRO A 249 -12.84 7.94 9.08
CA PRO A 249 -12.94 9.29 9.66
C PRO A 249 -11.58 9.83 10.11
N LEU A 250 -11.29 11.08 9.78
CA LEU A 250 -10.02 11.67 10.17
C LEU A 250 -9.86 11.88 11.69
N LYS A 251 -10.97 12.14 12.39
CA LYS A 251 -10.93 12.26 13.84
C LYS A 251 -9.90 13.28 14.33
N ASN A 252 -9.88 14.46 13.74
CA ASN A 252 -8.96 15.53 14.28
C ASN A 252 -7.46 15.24 14.19
N ARG A 253 -7.07 14.27 13.38
CA ARG A 253 -5.68 14.17 12.98
C ARG A 253 -5.32 15.26 12.01
N GLN A 254 -4.04 15.53 11.89
CA GLN A 254 -3.52 16.55 11.06
C GLN A 254 -2.78 15.92 9.89
N VAL A 255 -3.14 16.30 8.66
CA VAL A 255 -2.34 15.96 7.49
C VAL A 255 -1.36 17.11 7.21
N ARG A 256 -0.07 16.78 7.17
CA ARG A 256 1.00 17.71 6.83
C ARG A 256 1.50 17.50 5.43
N GLY A 257 1.93 18.57 4.78
CA GLY A 257 2.43 18.47 3.43
C GLY A 257 3.84 18.96 3.24
N PHE A 258 4.62 18.26 2.44
CA PHE A 258 5.97 18.64 2.06
C PHE A 258 6.08 18.76 0.53
N PRO A 259 6.62 19.88 0.01
CA PRO A 259 7.22 20.99 0.80
C PRO A 259 6.23 22.00 1.35
N LYS A 260 4.97 21.90 0.93
CA LYS A 260 3.84 22.55 1.58
C LYS A 260 2.57 21.67 1.45
CU CU B . -15.82 -12.27 9.84
CU CU C . 11.15 -10.90 9.55
CU CU D . -9.12 -13.00 4.70
CU CU E . -5.62 -14.13 4.07
ZN ZN F . -1.97 -1.71 1.18
C1 GOL G . -14.41 -3.13 -2.38
O1 GOL G . -13.03 -2.81 -2.28
C2 GOL G . -14.97 -3.16 -0.97
O2 GOL G . -16.30 -3.68 -1.03
C3 GOL G . -15.01 -1.77 -0.34
O3 GOL G . -14.84 -0.71 -1.28
C1 GOL H . -0.21 -6.73 2.58
O1 GOL H . 0.52 -7.81 3.18
C2 GOL H . -1.34 -7.24 1.74
O2 GOL H . -0.91 -7.61 0.44
C3 GOL H . -2.54 -6.28 1.61
O3 GOL H . -3.57 -7.26 1.60
C1 E68 I . -0.64 -3.10 4.83
C2 E68 I . 0.71 -3.40 4.96
C3 E68 I . 1.07 -4.57 5.60
C4 E68 I . 0.12 -5.43 6.12
C5 E68 I . -1.23 -5.12 5.98
C6 E68 I . -1.59 -3.94 5.35
C7 E68 I . 0.50 -6.70 6.80
C8 E68 I . 1.98 -8.59 6.67
S1 E68 I . -1.15 -1.57 4.10
O1 E68 I . -1.67 -0.79 5.17
O2 E68 I . -0.03 -1.08 3.37
N1 E68 I . -2.29 -1.90 3.03
C9 E68 I . 3.35 -8.79 6.07
C10 E68 I . 5.61 -9.46 6.70
O3 E68 I . -0.05 -7.12 7.83
C11 E68 I . 6.20 -10.69 7.34
O4 E68 I . 3.68 -8.22 5.02
N2 E68 I . 1.45 -7.37 6.17
C12 E68 I . 7.68 -10.64 7.25
C13 E68 I . 8.60 -10.37 8.20
C14 E68 I . 9.61 -10.74 6.30
N3 E68 I . 4.17 -9.53 6.81
N4 E68 I . 9.82 -10.42 7.59
N5 E68 I . 8.32 -10.87 6.04
#